data_9D68
#
_entry.id   9D68
#
loop_
_entity.id
_entity.type
_entity.pdbx_description
1 polymer 'Excitatory amino acid transporter 3'
2 non-polymer CYSTEINE
3 non-polymer 'SODIUM ION'
4 water water
#
_entity_poly.entity_id   1
_entity_poly.type   'polypeptide(L)'
_entity_poly.pdbx_seq_one_letter_code
;GPMGKPARKGAEWKRFLKNNWVLLSTVAAVVLGITTGVLVREHSNLSTLEKFYFAFPGEILMRMLKLIILPLIISSMITG
VAALDSNVSGKIGLRAVVYYFATTLIAVILGIVLVVSIKPGVTQKVGEIARTGSTPEVSTVDAMLDLIRNMFPENLVQAA
FQQYKTKREEVKPPSDPEMTMTEESFTAVMTTAISKTKTKEYKIVGMYSDGINVLGLIVFALVFGLVIGKMGEKGQILVD
FFNALSDATMKIVQIIMWYMPLGILFLIAGCIIEVEDWEIFRKLGLYMATVLTGLAIHSIVILPLIYFIVVRKNPFRFAM
GMAQALLTALMISSSSATLPVTFRCAEENNQVDKRITRFVLPVGATINMDGTALYEAVAAVFIAQLNDLDLGIGQIITIS
ITATSASIGAAGVPQAGLVTMVIVLSAVGLPAEDVTLIIAVDCLLDRFRTMVNVLGDAFGTGIVEKLSKKELEQMDVSSE
VNIVNPFALESTILDNEDSDTKKSYVNGGFAVDKSDTISFTQTSQF
;
_entity_poly.pdbx_strand_id   A
#
loop_
_chem_comp.id
_chem_comp.type
_chem_comp.name
_chem_comp.formula
NA non-polymer 'SODIUM ION' 'Na 1'
#
# COMPACT_ATOMS: atom_id res chain seq x y z
N TRP A 21 -14.28 -19.02 12.32
CA TRP A 21 -15.43 -18.36 11.71
C TRP A 21 -15.01 -17.03 11.07
N VAL A 22 -13.89 -16.48 11.54
CA VAL A 22 -13.46 -15.17 11.05
C VAL A 22 -13.04 -15.26 9.59
N LEU A 23 -12.22 -16.26 9.25
CA LEU A 23 -11.77 -16.42 7.87
C LEU A 23 -12.89 -16.95 6.99
N LEU A 24 -13.68 -17.89 7.49
CA LEU A 24 -14.75 -18.46 6.67
C LEU A 24 -15.77 -17.41 6.28
N SER A 25 -16.16 -16.53 7.21
CA SER A 25 -17.13 -15.50 6.89
C SER A 25 -16.60 -14.56 5.81
N THR A 26 -15.30 -14.22 5.87
CA THR A 26 -14.72 -13.37 4.85
C THR A 26 -14.80 -14.02 3.47
N VAL A 27 -14.51 -15.31 3.39
CA VAL A 27 -14.60 -16.01 2.11
C VAL A 27 -16.05 -16.10 1.66
N ALA A 28 -16.97 -16.35 2.60
CA ALA A 28 -18.38 -16.40 2.24
C ALA A 28 -18.86 -15.03 1.74
N ALA A 29 -18.37 -13.96 2.37
CA ALA A 29 -18.83 -12.62 1.99
C ALA A 29 -18.45 -12.29 0.55
N VAL A 30 -17.23 -12.61 0.14
CA VAL A 30 -16.80 -12.27 -1.22
C VAL A 30 -17.61 -13.07 -2.24
N VAL A 31 -17.85 -14.35 -1.97
CA VAL A 31 -18.63 -15.17 -2.89
C VAL A 31 -20.04 -14.62 -3.02
N LEU A 32 -20.68 -14.33 -1.88
CA LEU A 32 -21.99 -13.70 -1.91
C LEU A 32 -21.92 -12.31 -2.52
N GLY A 33 -20.87 -11.56 -2.19
CA GLY A 33 -20.72 -10.23 -2.77
C GLY A 33 -20.54 -10.29 -4.28
N ILE A 34 -19.67 -11.18 -4.75
CA ILE A 34 -19.52 -11.36 -6.19
C ILE A 34 -20.80 -11.89 -6.80
N THR A 35 -21.43 -12.87 -6.16
CA THR A 35 -22.71 -13.37 -6.65
C THR A 35 -23.75 -12.27 -6.67
N THR A 36 -23.86 -11.51 -5.58
CA THR A 36 -24.80 -10.40 -5.53
C THR A 36 -24.43 -9.32 -6.54
N GLY A 37 -23.13 -8.99 -6.63
CA GLY A 37 -22.73 -7.91 -7.51
C GLY A 37 -23.01 -8.19 -8.97
N VAL A 38 -22.68 -9.40 -9.42
CA VAL A 38 -22.87 -9.74 -10.83
C VAL A 38 -24.35 -9.84 -11.15
N LEU A 39 -25.13 -10.47 -10.27
CA LEU A 39 -26.56 -10.61 -10.52
C LEU A 39 -27.25 -9.25 -10.54
N VAL A 40 -26.89 -8.37 -9.60
CA VAL A 40 -27.56 -7.08 -9.49
C VAL A 40 -27.39 -6.27 -10.78
N ARG A 41 -26.15 -6.22 -11.30
CA ARG A 41 -25.90 -5.42 -12.49
C ARG A 41 -26.45 -6.09 -13.74
N GLU A 42 -26.35 -7.42 -13.81
CA GLU A 42 -26.77 -8.12 -15.03
C GLU A 42 -28.29 -8.10 -15.18
N HIS A 43 -29.02 -8.22 -14.08
CA HIS A 43 -30.48 -8.24 -14.11
C HIS A 43 -31.10 -6.89 -13.81
N SER A 44 -30.73 -6.27 -12.70
CA SER A 44 -31.27 -4.98 -12.31
C SER A 44 -30.44 -3.85 -12.91
N ASN A 45 -31.09 -2.71 -13.15
CA ASN A 45 -30.45 -1.51 -13.65
C ASN A 45 -30.48 -0.46 -12.53
N LEU A 46 -29.30 0.06 -12.18
CA LEU A 46 -29.16 1.01 -11.10
C LEU A 46 -28.46 2.26 -11.60
N SER A 47 -28.94 3.42 -11.17
CA SER A 47 -28.32 4.69 -11.53
C SER A 47 -27.05 4.89 -10.71
N THR A 48 -26.33 5.98 -11.01
CA THR A 48 -25.11 6.27 -10.27
C THR A 48 -25.39 6.50 -8.79
N LEU A 49 -26.48 7.22 -8.48
CA LEU A 49 -26.85 7.41 -7.09
C LEU A 49 -27.26 6.11 -6.44
N GLU A 50 -28.05 5.29 -7.15
CA GLU A 50 -28.46 4.00 -6.61
C GLU A 50 -27.27 3.08 -6.41
N LYS A 51 -26.25 3.17 -7.27
CA LYS A 51 -25.05 2.38 -7.10
C LYS A 51 -24.29 2.80 -5.83
N PHE A 52 -24.22 4.11 -5.57
CA PHE A 52 -23.49 4.60 -4.41
C PHE A 52 -24.16 4.13 -3.12
N TYR A 53 -25.48 4.20 -3.04
CA TYR A 53 -26.17 3.77 -1.83
C TYR A 53 -26.06 2.27 -1.62
N PHE A 54 -25.93 1.50 -2.70
CA PHE A 54 -25.80 0.06 -2.56
C PHE A 54 -24.51 -0.30 -1.82
N ALA A 55 -23.43 0.42 -2.09
CA ALA A 55 -22.14 0.16 -1.47
C ALA A 55 -21.98 0.84 -0.12
N PHE A 56 -23.04 1.47 0.40
CA PHE A 56 -22.93 2.16 1.67
C PHE A 56 -22.46 1.26 2.80
N PRO A 57 -22.96 0.02 2.95
CA PRO A 57 -22.42 -0.84 4.02
C PRO A 57 -20.92 -1.04 3.93
N GLY A 58 -20.39 -1.15 2.72
CA GLY A 58 -18.94 -1.20 2.55
C GLY A 58 -18.28 0.12 2.91
N GLU A 59 -18.94 1.23 2.59
CA GLU A 59 -18.39 2.54 2.93
C GLU A 59 -18.25 2.70 4.45
N ILE A 60 -19.22 2.21 5.20
CA ILE A 60 -19.15 2.29 6.66
C ILE A 60 -17.94 1.52 7.17
N LEU A 61 -17.71 0.33 6.63
CA LEU A 61 -16.53 -0.44 7.02
C LEU A 61 -15.26 0.32 6.66
N MET A 62 -15.27 1.05 5.55
CA MET A 62 -14.07 1.77 5.11
C MET A 62 -13.65 2.80 6.15
N ARG A 63 -14.59 3.58 6.67
CA ARG A 63 -14.27 4.61 7.65
C ARG A 63 -14.16 4.07 9.06
N MET A 64 -14.62 2.85 9.31
CA MET A 64 -14.33 2.20 10.58
C MET A 64 -12.90 1.71 10.63
N LEU A 65 -12.36 1.27 9.50
CA LEU A 65 -10.97 0.87 9.42
C LEU A 65 -10.03 2.07 9.36
N LYS A 66 -10.46 3.15 8.71
CA LYS A 66 -9.66 4.38 8.71
C LYS A 66 -9.60 5.00 10.10
N LEU A 67 -10.66 4.85 10.89
CA LEU A 67 -10.68 5.40 12.24
C LEU A 67 -9.58 4.79 13.11
N ILE A 68 -9.17 3.56 12.79
CA ILE A 68 -8.20 2.84 13.61
C ILE A 68 -6.75 3.15 13.24
N ILE A 69 -6.51 3.79 12.10
CA ILE A 69 -5.14 4.00 11.65
C ILE A 69 -4.37 4.85 12.64
N LEU A 70 -4.93 5.99 13.03
CA LEU A 70 -4.19 6.91 13.89
C LEU A 70 -3.88 6.32 15.25
N PRO A 71 -4.84 5.78 16.01
CA PRO A 71 -4.48 5.15 17.28
C PRO A 71 -3.53 3.97 17.11
N LEU A 72 -3.69 3.20 16.04
CA LEU A 72 -2.87 2.02 15.85
C LEU A 72 -1.44 2.40 15.47
N ILE A 73 -1.29 3.34 14.54
CA ILE A 73 0.05 3.72 14.10
C ILE A 73 0.83 4.34 15.25
N ILE A 74 0.19 5.24 16.00
CA ILE A 74 0.90 5.98 17.04
C ILE A 74 1.35 5.04 18.17
N SER A 75 0.43 4.23 18.68
CA SER A 75 0.75 3.40 19.82
C SER A 75 1.64 2.21 19.45
N SER A 76 1.50 1.70 18.22
CA SER A 76 2.34 0.59 17.79
C SER A 76 3.78 1.04 17.61
N MET A 77 3.99 2.17 16.93
CA MET A 77 5.35 2.66 16.69
C MET A 77 6.01 3.07 17.99
N ILE A 78 5.28 3.76 18.87
CA ILE A 78 5.86 4.16 20.15
C ILE A 78 6.17 2.94 21.00
N THR A 79 5.25 1.98 21.06
CA THR A 79 5.42 0.84 21.94
C THR A 79 6.48 -0.12 21.39
N GLY A 80 6.51 -0.33 20.08
CA GLY A 80 7.50 -1.22 19.51
C GLY A 80 8.92 -0.71 19.66
N VAL A 81 9.12 0.58 19.39
CA VAL A 81 10.46 1.16 19.52
C VAL A 81 10.85 1.29 20.99
N ALA A 82 9.89 1.67 21.84
CA ALA A 82 10.20 1.87 23.25
C ALA A 82 10.57 0.57 23.95
N ALA A 83 9.98 -0.55 23.51
CA ALA A 83 10.27 -1.83 24.16
C ALA A 83 11.71 -2.27 23.93
N LEU A 84 12.28 -1.98 22.77
CA LEU A 84 13.61 -2.44 22.42
C LEU A 84 14.68 -1.46 22.90
N ASP A 85 15.90 -1.96 23.03
CA ASP A 85 17.03 -1.10 23.30
C ASP A 85 17.35 -0.24 22.08
N SER A 86 18.11 0.83 22.32
CA SER A 86 18.42 1.76 21.23
C SER A 86 19.19 1.06 20.12
N ASN A 87 20.20 0.26 20.48
CA ASN A 87 20.94 -0.48 19.47
C ASN A 87 20.10 -1.58 18.85
N VAL A 88 19.33 -2.30 19.67
CA VAL A 88 18.48 -3.36 19.15
C VAL A 88 17.42 -2.77 18.23
N SER A 89 16.83 -1.64 18.62
CA SER A 89 15.86 -0.97 17.76
C SER A 89 16.49 -0.53 16.44
N GLY A 90 17.72 0.00 16.51
CA GLY A 90 18.38 0.45 15.29
C GLY A 90 18.68 -0.70 14.34
N LYS A 91 19.17 -1.82 14.87
CA LYS A 91 19.45 -2.97 14.03
C LYS A 91 18.18 -3.53 13.41
N ILE A 92 17.11 -3.64 14.20
CA ILE A 92 15.84 -4.12 13.67
C ILE A 92 15.33 -3.18 12.59
N GLY A 93 15.41 -1.86 12.84
CA GLY A 93 15.00 -0.91 11.82
C GLY A 93 15.87 -0.97 10.58
N LEU A 94 17.17 -1.14 10.76
CA LEU A 94 18.07 -1.25 9.60
C LEU A 94 17.73 -2.49 8.78
N ARG A 95 17.48 -3.62 9.43
CA ARG A 95 17.14 -4.84 8.71
C ARG A 95 15.84 -4.66 7.92
N ALA A 96 14.83 -4.06 8.54
CA ALA A 96 13.56 -3.84 7.85
C ALA A 96 13.73 -2.92 6.65
N VAL A 97 14.51 -1.84 6.81
CA VAL A 97 14.71 -0.90 5.71
C VAL A 97 15.40 -1.58 4.55
N VAL A 98 16.41 -2.42 4.83
CA VAL A 98 17.09 -3.13 3.76
C VAL A 98 16.13 -4.07 3.05
N TYR A 99 15.29 -4.78 3.82
CA TYR A 99 14.30 -5.65 3.21
C TYR A 99 13.31 -4.86 2.36
N TYR A 100 12.85 -3.72 2.87
CA TYR A 100 11.94 -2.89 2.10
C TYR A 100 12.57 -2.45 0.79
N PHE A 101 13.79 -1.91 0.86
CA PHE A 101 14.47 -1.46 -0.35
C PHE A 101 14.77 -2.63 -1.28
N ALA A 102 15.24 -3.74 -0.72
CA ALA A 102 15.62 -4.88 -1.55
C ALA A 102 14.44 -5.44 -2.33
N THR A 103 13.29 -5.58 -1.66
CA THR A 103 12.13 -6.17 -2.32
C THR A 103 11.51 -5.19 -3.31
N THR A 104 11.51 -3.90 -3.00
CA THR A 104 10.98 -2.91 -3.93
C THR A 104 11.81 -2.87 -5.21
N LEU A 105 13.14 -2.98 -5.09
CA LEU A 105 13.99 -2.99 -6.27
C LEU A 105 13.73 -4.22 -7.12
N ILE A 106 13.57 -5.39 -6.49
CA ILE A 106 13.33 -6.61 -7.26
C ILE A 106 11.97 -6.54 -7.95
N ALA A 107 10.97 -5.97 -7.26
CA ALA A 107 9.66 -5.79 -7.89
C ALA A 107 9.76 -4.90 -9.12
N VAL A 108 10.51 -3.80 -9.03
CA VAL A 108 10.66 -2.90 -10.16
C VAL A 108 11.38 -3.60 -11.31
N ILE A 109 12.45 -4.34 -10.99
CA ILE A 109 13.20 -5.04 -12.03
C ILE A 109 12.31 -6.07 -12.71
N LEU A 110 11.51 -6.80 -11.93
CA LEU A 110 10.60 -7.77 -12.51
C LEU A 110 9.59 -7.08 -13.43
N GLY A 111 9.06 -5.93 -13.01
CA GLY A 111 8.16 -5.19 -13.87
C GLY A 111 8.83 -4.72 -15.15
N ILE A 112 10.08 -4.27 -15.05
CA ILE A 112 10.81 -3.80 -16.23
C ILE A 112 11.03 -4.96 -17.20
N VAL A 113 11.42 -6.12 -16.68
CA VAL A 113 11.72 -7.26 -17.55
C VAL A 113 10.45 -7.75 -18.24
N LEU A 114 9.36 -7.90 -17.47
CA LEU A 114 8.14 -8.45 -18.03
C LEU A 114 7.55 -7.54 -19.11
N VAL A 115 7.52 -6.24 -18.84
CA VAL A 115 6.93 -5.31 -19.81
C VAL A 115 7.80 -5.23 -21.06
N VAL A 116 9.12 -5.26 -20.89
CA VAL A 116 10.01 -5.22 -22.05
C VAL A 116 9.90 -6.49 -22.87
N SER A 117 9.82 -7.65 -22.20
CA SER A 117 9.72 -8.92 -22.92
C SER A 117 8.34 -9.09 -23.53
N ILE A 118 7.29 -8.83 -22.76
CA ILE A 118 5.93 -9.04 -23.26
C ILE A 118 5.60 -8.01 -24.33
N LYS A 119 6.07 -6.77 -24.17
CA LYS A 119 5.82 -5.71 -25.14
C LYS A 119 4.34 -5.44 -25.25
N PRO A 120 3.64 -5.12 -24.16
CA PRO A 120 2.21 -4.84 -24.26
C PRO A 120 1.89 -3.63 -25.13
N GLY A 121 2.74 -2.61 -25.11
CA GLY A 121 2.46 -1.39 -25.85
C GLY A 121 2.88 -1.42 -27.30
N VAL A 122 3.82 -2.29 -27.66
CA VAL A 122 4.25 -2.37 -29.05
C VAL A 122 3.19 -3.00 -29.93
N THR A 123 2.29 -3.80 -29.35
CA THR A 123 1.22 -4.45 -30.08
C THR A 123 -0.03 -3.58 -30.17
N GLN A 124 0.00 -2.37 -29.59
CA GLN A 124 -1.15 -1.50 -29.54
C GLN A 124 -0.78 -0.14 -30.13
N LYS A 125 -1.78 0.72 -30.28
CA LYS A 125 -1.61 2.08 -30.76
C LYS A 125 -2.18 3.05 -29.74
N VAL A 126 -1.69 4.29 -29.78
CA VAL A 126 -2.18 5.33 -28.88
C VAL A 126 -3.64 5.65 -29.18
N GLY A 127 -3.98 5.79 -30.46
CA GLY A 127 -5.31 6.24 -30.81
C GLY A 127 -6.40 5.27 -30.39
N GLU A 128 -6.15 3.97 -30.54
CA GLU A 128 -7.18 2.98 -30.24
C GLU A 128 -7.58 3.04 -28.77
N ILE A 129 -6.62 3.22 -27.86
CA ILE A 129 -6.92 3.23 -26.44
C ILE A 129 -7.72 4.47 -26.10
N ALA A 130 -8.83 4.29 -25.38
CA ALA A 130 -9.63 5.39 -24.92
C ALA A 130 -8.98 6.08 -23.73
N ARG A 131 -9.23 7.37 -23.60
CA ARG A 131 -8.66 8.20 -22.53
C ARG A 131 -9.75 8.50 -21.52
N THR A 132 -9.46 8.24 -20.25
CA THR A 132 -10.43 8.42 -19.18
C THR A 132 -9.78 9.08 -17.98
N GLY A 133 -10.56 9.86 -17.24
CA GLY A 133 -10.07 10.51 -16.05
C GLY A 133 -9.31 11.78 -16.36
N SER A 134 -8.76 12.37 -15.30
CA SER A 134 -7.98 13.60 -15.38
C SER A 134 -6.58 13.35 -14.86
N THR A 135 -5.58 13.80 -15.61
CA THR A 135 -4.20 13.62 -15.20
C THR A 135 -3.86 14.65 -14.12
N PRO A 136 -3.39 14.23 -12.94
CA PRO A 136 -3.06 15.21 -11.90
C PRO A 136 -1.90 16.10 -12.31
N GLU A 137 -1.94 17.35 -11.85
CA GLU A 137 -0.88 18.30 -12.10
C GLU A 137 0.19 18.11 -11.03
N VAL A 138 1.35 17.60 -11.42
CA VAL A 138 2.40 17.22 -10.49
C VAL A 138 3.71 17.87 -10.92
N SER A 139 4.45 18.40 -9.95
CA SER A 139 5.82 18.85 -10.15
C SER A 139 6.74 17.84 -9.47
N THR A 140 7.69 17.30 -10.22
CA THR A 140 8.53 16.23 -9.70
C THR A 140 9.34 16.71 -8.51
N VAL A 141 9.93 17.90 -8.59
CA VAL A 141 10.73 18.42 -7.50
C VAL A 141 9.85 18.68 -6.27
N ASP A 142 8.72 19.34 -6.48
CA ASP A 142 7.86 19.69 -5.34
C ASP A 142 7.26 18.44 -4.70
N ALA A 143 6.90 17.44 -5.52
CA ALA A 143 6.32 16.22 -4.97
C ALA A 143 7.32 15.49 -4.08
N MET A 144 8.58 15.43 -4.49
CA MET A 144 9.60 14.76 -3.69
C MET A 144 9.94 15.56 -2.45
N LEU A 145 10.02 16.89 -2.57
CA LEU A 145 10.25 17.72 -1.40
C LEU A 145 9.08 17.65 -0.43
N ASP A 146 7.85 17.52 -0.94
CA ASP A 146 6.70 17.33 -0.07
C ASP A 146 6.85 16.09 0.78
N LEU A 147 7.55 15.07 0.27
CA LEU A 147 7.77 13.85 1.03
C LEU A 147 8.56 14.16 2.30
N ILE A 148 9.64 14.93 2.17
CA ILE A 148 10.45 15.30 3.31
C ILE A 148 9.67 16.24 4.23
N ARG A 149 8.88 17.15 3.63
CA ARG A 149 8.09 18.07 4.44
C ARG A 149 7.09 17.33 5.30
N ASN A 150 6.44 16.31 4.74
CA ASN A 150 5.46 15.54 5.51
C ASN A 150 6.12 14.64 6.54
N MET A 151 7.40 14.32 6.37
CA MET A 151 8.11 13.58 7.41
C MET A 151 8.22 14.41 8.69
N PHE A 152 8.20 15.74 8.57
CA PHE A 152 8.36 16.64 9.71
C PHE A 152 7.22 17.64 9.67
N PRO A 153 6.02 17.23 10.10
CA PRO A 153 4.87 18.14 10.07
C PRO A 153 5.07 19.32 11.01
N GLU A 154 4.47 20.45 10.65
CA GLU A 154 4.57 21.64 11.49
C GLU A 154 3.69 21.52 12.73
N ASN A 155 2.62 20.73 12.66
CA ASN A 155 1.71 20.52 13.78
C ASN A 155 1.42 19.02 13.89
N LEU A 156 1.51 18.49 15.11
CA LEU A 156 1.23 17.07 15.31
C LEU A 156 -0.27 16.78 15.22
N VAL A 157 -1.09 17.65 15.80
CA VAL A 157 -2.54 17.46 15.72
C VAL A 157 -3.01 17.54 14.28
N GLN A 158 -2.49 18.52 13.53
CA GLN A 158 -2.86 18.65 12.12
C GLN A 158 -2.41 17.43 11.32
N ALA A 159 -1.23 16.89 11.62
CA ALA A 159 -0.74 15.71 10.93
C ALA A 159 -1.64 14.51 11.14
N ALA A 160 -2.45 14.50 12.21
CA ALA A 160 -3.33 13.37 12.47
C ALA A 160 -4.38 13.21 11.38
N PHE A 161 -4.74 14.30 10.69
CA PHE A 161 -5.78 14.24 9.70
C PHE A 161 -5.51 15.06 8.45
N GLN A 162 -4.36 15.70 8.32
CA GLN A 162 -4.08 16.57 7.18
C GLN A 162 -2.65 16.35 6.69
N GLN A 163 -2.42 16.72 5.44
CA GLN A 163 -1.12 16.57 4.80
C GLN A 163 -0.77 17.84 4.05
N TYR A 164 0.52 18.04 3.84
CA TYR A 164 1.05 19.25 3.22
C TYR A 164 1.33 19.02 1.74
N LYS A 165 1.05 20.04 0.94
CA LYS A 165 1.30 20.00 -0.49
C LYS A 165 1.70 21.38 -0.96
N THR A 166 2.68 21.43 -1.87
CA THR A 166 3.17 22.69 -2.43
C THR A 166 2.87 22.73 -3.92
N LYS A 167 2.48 23.91 -4.40
CA LYS A 167 2.24 24.15 -5.81
C LYS A 167 3.03 25.37 -6.25
N ARG A 168 3.42 25.38 -7.52
CA ARG A 168 4.10 26.53 -8.11
C ARG A 168 3.04 27.52 -8.59
N GLU A 169 3.14 28.76 -8.12
CA GLU A 169 2.20 29.81 -8.47
C GLU A 169 2.96 31.07 -8.85
N GLU A 170 2.36 31.85 -9.74
CA GLU A 170 2.94 33.12 -10.15
C GLU A 170 1.85 34.20 -10.17
N GLU A 201 10.20 33.42 -12.19
CA GLU A 201 8.92 34.11 -12.01
C GLU A 201 7.91 33.24 -11.28
N TYR A 202 8.35 32.08 -10.80
CA TYR A 202 7.50 31.12 -10.12
C TYR A 202 7.70 31.20 -8.62
N LYS A 203 6.63 31.00 -7.86
CA LYS A 203 6.65 31.07 -6.41
C LYS A 203 5.93 29.86 -5.85
N ILE A 204 6.51 29.26 -4.82
CA ILE A 204 5.96 28.06 -4.19
C ILE A 204 4.96 28.47 -3.12
N VAL A 205 3.74 27.96 -3.21
CA VAL A 205 2.71 28.16 -2.20
C VAL A 205 2.28 26.79 -1.68
N GLY A 206 2.31 26.62 -0.37
CA GLY A 206 1.94 25.37 0.26
C GLY A 206 0.65 25.51 1.05
N MET A 207 -0.06 24.39 1.21
CA MET A 207 -1.29 24.38 1.98
C MET A 207 -1.54 22.97 2.49
N TYR A 208 -2.42 22.86 3.48
CA TYR A 208 -2.75 21.59 4.10
C TYR A 208 -4.11 21.12 3.61
N SER A 209 -4.20 19.83 3.28
CA SER A 209 -5.42 19.23 2.77
C SER A 209 -5.74 17.98 3.58
N ASP A 210 -7.02 17.61 3.60
CA ASP A 210 -7.46 16.48 4.40
C ASP A 210 -6.76 15.21 3.97
N GLY A 211 -6.48 14.35 4.94
CA GLY A 211 -5.77 13.11 4.71
C GLY A 211 -4.68 12.91 5.74
N ILE A 212 -4.74 11.80 6.48
CA ILE A 212 -3.81 11.60 7.58
C ILE A 212 -2.39 11.55 7.06
N ASN A 213 -1.49 12.24 7.77
CA ASN A 213 -0.06 12.24 7.43
C ASN A 213 0.60 11.09 8.17
N VAL A 214 0.50 9.90 7.59
CA VAL A 214 1.09 8.71 8.21
C VAL A 214 2.60 8.83 8.27
N LEU A 215 3.20 9.43 7.24
CA LEU A 215 4.65 9.59 7.22
C LEU A 215 5.12 10.42 8.41
N GLY A 216 4.48 11.56 8.65
CA GLY A 216 4.89 12.41 9.76
C GLY A 216 4.61 11.78 11.11
N LEU A 217 3.48 11.08 11.23
CA LEU A 217 3.14 10.45 12.51
C LEU A 217 4.09 9.30 12.84
N ILE A 218 4.50 8.54 11.81
CA ILE A 218 5.42 7.43 12.05
C ILE A 218 6.80 7.96 12.46
N VAL A 219 7.26 9.02 11.80
CA VAL A 219 8.58 9.58 12.14
C VAL A 219 8.58 10.10 13.57
N PHE A 220 7.53 10.81 13.97
CA PHE A 220 7.44 11.29 15.35
C PHE A 220 7.28 10.13 16.32
N ALA A 221 6.44 9.16 15.98
CA ALA A 221 6.25 8.02 16.87
C ALA A 221 7.54 7.22 17.04
N LEU A 222 8.37 7.16 16.01
CA LEU A 222 9.66 6.49 16.14
C LEU A 222 10.60 7.29 17.03
N VAL A 223 10.70 8.60 16.80
CA VAL A 223 11.56 9.44 17.64
C VAL A 223 11.02 9.49 19.07
N PHE A 224 9.70 9.61 19.22
CA PHE A 224 9.11 9.62 20.54
C PHE A 224 9.34 8.31 21.27
N GLY A 225 9.20 7.19 20.56
CA GLY A 225 9.44 5.90 21.18
C GLY A 225 10.89 5.73 21.62
N LEU A 226 11.83 6.22 20.81
CA LEU A 226 13.23 6.14 21.19
C LEU A 226 13.51 6.96 22.45
N VAL A 227 12.89 8.14 22.56
CA VAL A 227 13.15 9.02 23.69
C VAL A 227 12.60 8.44 24.98
N ILE A 228 11.35 7.97 24.95
CA ILE A 228 10.73 7.47 26.18
C ILE A 228 11.36 6.16 26.59
N GLY A 229 11.90 5.39 25.64
CA GLY A 229 12.63 4.19 26.01
C GLY A 229 13.91 4.50 26.74
N LYS A 230 14.65 5.51 26.29
CA LYS A 230 15.90 5.89 26.96
C LYS A 230 15.63 6.49 28.33
N MET A 231 14.46 7.10 28.52
CA MET A 231 14.16 7.73 29.81
C MET A 231 14.11 6.71 30.93
N GLY A 232 13.53 5.54 30.65
CA GLY A 232 13.44 4.49 31.66
C GLY A 232 12.26 4.66 32.58
N GLU A 233 12.53 4.78 33.88
CA GLU A 233 11.44 4.95 34.84
C GLU A 233 10.71 6.27 34.62
N LYS A 234 11.41 7.31 34.17
CA LYS A 234 10.75 8.58 33.89
C LYS A 234 9.71 8.43 32.79
N GLY A 235 10.05 7.72 31.72
CA GLY A 235 9.17 7.52 30.60
C GLY A 235 8.31 6.27 30.69
N GLN A 236 8.34 5.55 31.82
CA GLN A 236 7.59 4.30 31.92
C GLN A 236 6.09 4.55 31.81
N ILE A 237 5.61 5.66 32.38
CA ILE A 237 4.18 5.94 32.32
C ILE A 237 3.72 6.08 30.87
N LEU A 238 4.56 6.68 30.02
CA LEU A 238 4.20 6.81 28.61
C LEU A 238 4.27 5.46 27.91
N VAL A 239 5.23 4.62 28.29
CA VAL A 239 5.29 3.27 27.75
C VAL A 239 4.04 2.48 28.14
N ASP A 240 3.64 2.58 29.41
CA ASP A 240 2.44 1.89 29.86
C ASP A 240 1.20 2.44 29.17
N PHE A 241 1.12 3.77 29.03
CA PHE A 241 -0.07 4.38 28.42
C PHE A 241 -0.25 3.93 26.98
N PHE A 242 0.84 3.93 26.19
CA PHE A 242 0.73 3.55 24.79
C PHE A 242 0.70 2.04 24.59
N ASN A 243 1.06 1.28 25.63
CA ASN A 243 0.94 -0.21 25.59
C ASN A 243 -0.54 -0.54 25.76
N ALA A 244 -1.25 0.12 26.68
CA ALA A 244 -2.68 -0.08 26.85
C ALA A 244 -3.46 0.44 25.65
N LEU A 245 -3.05 1.59 25.11
CA LEU A 245 -3.71 2.13 23.92
C LEU A 245 -3.56 1.19 22.73
N SER A 246 -2.38 0.60 22.58
CA SER A 246 -2.18 -0.38 21.51
C SER A 246 -3.05 -1.60 21.72
N ASP A 247 -3.12 -2.10 22.95
CA ASP A 247 -3.96 -3.26 23.25
C ASP A 247 -5.44 -2.92 23.09
N ALA A 248 -5.85 -1.74 23.54
CA ALA A 248 -7.23 -1.32 23.37
C ALA A 248 -7.60 -1.19 21.89
N THR A 249 -6.69 -0.64 21.08
CA THR A 249 -6.95 -0.50 19.66
C THR A 249 -7.14 -1.85 19.00
N MET A 250 -6.34 -2.84 19.39
CA MET A 250 -6.49 -4.18 18.83
C MET A 250 -7.84 -4.78 19.20
N LYS A 251 -8.30 -4.56 20.44
CA LYS A 251 -9.60 -5.08 20.84
C LYS A 251 -10.72 -4.44 20.03
N ILE A 252 -10.61 -3.13 19.74
CA ILE A 252 -11.61 -2.46 18.92
C ILE A 252 -11.61 -3.03 17.52
N VAL A 253 -10.43 -3.40 17.00
CA VAL A 253 -10.36 -4.06 15.71
C VAL A 253 -11.12 -5.38 15.74
N GLN A 254 -10.97 -6.13 16.83
CA GLN A 254 -11.73 -7.38 16.98
C GLN A 254 -13.23 -7.13 16.84
N ILE A 255 -13.72 -6.01 17.38
CA ILE A 255 -15.13 -5.69 17.24
C ILE A 255 -15.46 -5.35 15.80
N ILE A 256 -14.56 -4.68 15.10
CA ILE A 256 -14.79 -4.34 13.70
C ILE A 256 -14.82 -5.61 12.85
N MET A 257 -14.00 -6.61 13.19
CA MET A 257 -13.98 -7.85 12.41
C MET A 257 -15.36 -8.51 12.37
N TRP A 258 -16.20 -8.28 13.39
CA TRP A 258 -17.54 -8.84 13.39
C TRP A 258 -18.37 -8.27 12.25
N TYR A 259 -18.20 -6.98 11.96
CA TYR A 259 -18.93 -6.31 10.89
C TYR A 259 -18.26 -6.45 9.52
N MET A 260 -16.99 -6.87 9.48
CA MET A 260 -16.28 -6.90 8.21
C MET A 260 -16.95 -7.78 7.17
N PRO A 261 -17.43 -8.99 7.50
CA PRO A 261 -18.07 -9.82 6.44
C PRO A 261 -19.22 -9.11 5.74
N LEU A 262 -20.04 -8.36 6.47
CA LEU A 262 -21.15 -7.66 5.84
C LEU A 262 -20.65 -6.47 5.03
N GLY A 263 -19.65 -5.76 5.54
CA GLY A 263 -19.07 -4.68 4.76
C GLY A 263 -18.35 -5.16 3.52
N ILE A 264 -17.61 -6.28 3.64
CA ILE A 264 -16.90 -6.82 2.49
C ILE A 264 -17.87 -7.25 1.41
N LEU A 265 -19.00 -7.85 1.80
CA LEU A 265 -19.99 -8.29 0.83
C LEU A 265 -20.39 -7.15 -0.10
N PHE A 266 -20.76 -6.01 0.48
CA PHE A 266 -21.17 -4.87 -0.33
C PHE A 266 -19.98 -4.11 -0.92
N LEU A 267 -18.78 -4.27 -0.37
CA LEU A 267 -17.61 -3.64 -0.94
C LEU A 267 -17.24 -4.27 -2.28
N ILE A 268 -17.17 -5.61 -2.32
CA ILE A 268 -16.87 -6.29 -3.58
C ILE A 268 -18.06 -6.19 -4.52
N ALA A 269 -19.28 -6.32 -4.00
CA ALA A 269 -20.46 -6.25 -4.84
C ALA A 269 -20.59 -4.88 -5.49
N GLY A 270 -20.32 -3.82 -4.72
CA GLY A 270 -20.51 -2.48 -5.24
C GLY A 270 -19.64 -2.17 -6.44
N CYS A 271 -18.34 -2.48 -6.34
CA CYS A 271 -17.43 -2.13 -7.42
C CYS A 271 -17.79 -2.87 -8.70
N ILE A 272 -18.19 -4.14 -8.59
CA ILE A 272 -18.64 -4.88 -9.77
C ILE A 272 -19.80 -4.17 -10.43
N ILE A 273 -20.63 -3.48 -9.64
CA ILE A 273 -21.76 -2.76 -10.22
C ILE A 273 -21.36 -1.37 -10.70
N GLU A 274 -20.31 -0.78 -10.11
CA GLU A 274 -19.88 0.55 -10.53
C GLU A 274 -19.41 0.54 -11.98
N VAL A 275 -18.65 -0.47 -12.37
CA VAL A 275 -18.10 -0.50 -13.73
C VAL A 275 -19.24 -0.56 -14.73
N GLU A 276 -19.32 0.45 -15.59
CA GLU A 276 -20.39 0.53 -16.58
C GLU A 276 -20.00 -0.11 -17.91
N ASP A 277 -18.71 -0.12 -18.23
CA ASP A 277 -18.21 -0.69 -19.48
C ASP A 277 -17.17 -1.75 -19.17
N TRP A 278 -17.31 -2.91 -19.80
CA TRP A 278 -16.37 -4.02 -19.63
C TRP A 278 -15.45 -4.22 -20.83
N GLU A 279 -15.80 -3.67 -22.00
CA GLU A 279 -14.94 -3.79 -23.17
C GLU A 279 -13.67 -2.95 -23.03
N ILE A 280 -13.68 -1.94 -22.16
CA ILE A 280 -12.48 -1.15 -21.94
C ILE A 280 -11.38 -2.02 -21.33
N PHE A 281 -11.76 -2.95 -20.46
CA PHE A 281 -10.79 -3.87 -19.87
C PHE A 281 -10.16 -4.78 -20.91
N ARG A 282 -10.84 -5.03 -22.03
CA ARG A 282 -10.29 -5.90 -23.07
C ARG A 282 -9.21 -5.19 -23.88
N LYS A 283 -9.37 -3.89 -24.13
CA LYS A 283 -8.35 -3.17 -24.88
C LYS A 283 -7.04 -3.10 -24.12
N LEU A 284 -7.09 -2.99 -22.79
CA LEU A 284 -5.90 -2.97 -21.95
C LEU A 284 -5.59 -4.33 -21.36
N GLY A 285 -6.14 -5.41 -21.93
CA GLY A 285 -5.94 -6.72 -21.36
C GLY A 285 -4.47 -7.13 -21.32
N LEU A 286 -3.75 -6.88 -22.42
CA LEU A 286 -2.32 -7.21 -22.43
C LEU A 286 -1.57 -6.39 -21.39
N TYR A 287 -1.89 -5.10 -21.27
CA TYR A 287 -1.28 -4.28 -20.23
C TYR A 287 -1.63 -4.79 -18.84
N MET A 288 -2.90 -5.18 -18.64
CA MET A 288 -3.30 -5.76 -17.37
C MET A 288 -2.58 -7.10 -17.12
N ALA A 289 -2.47 -7.92 -18.16
CA ALA A 289 -1.88 -9.25 -17.99
C ALA A 289 -0.45 -9.14 -17.49
N THR A 290 0.33 -8.22 -18.05
CA THR A 290 1.71 -8.07 -17.61
C THR A 290 1.80 -7.52 -16.20
N VAL A 291 0.85 -6.68 -15.78
CA VAL A 291 0.86 -6.16 -14.42
C VAL A 291 0.53 -7.27 -13.43
N LEU A 292 -0.54 -8.03 -13.70
CA LEU A 292 -0.89 -9.14 -12.80
C LEU A 292 0.14 -10.26 -12.88
N THR A 293 0.74 -10.48 -14.04
CA THR A 293 1.80 -11.48 -14.13
C THR A 293 2.98 -11.11 -13.24
N GLY A 294 3.38 -9.83 -13.24
CA GLY A 294 4.45 -9.40 -12.36
C GLY A 294 4.07 -9.47 -10.89
N LEU A 295 2.86 -9.02 -10.56
CA LEU A 295 2.40 -9.09 -9.18
C LEU A 295 2.28 -10.54 -8.71
N ALA A 296 1.77 -11.42 -9.58
CA ALA A 296 1.67 -12.83 -9.21
C ALA A 296 3.04 -13.45 -8.99
N ILE A 297 3.99 -13.14 -9.87
CA ILE A 297 5.34 -13.70 -9.73
C ILE A 297 6.00 -13.17 -8.45
N HIS A 298 5.86 -11.87 -8.19
CA HIS A 298 6.43 -11.31 -6.97
C HIS A 298 5.80 -11.91 -5.72
N SER A 299 4.48 -12.10 -5.75
CA SER A 299 3.77 -12.60 -4.57
C SER A 299 3.97 -14.10 -4.38
N ILE A 300 4.07 -14.86 -5.49
CA ILE A 300 4.07 -16.31 -5.40
C ILE A 300 5.47 -16.92 -5.58
N VAL A 301 6.40 -16.20 -6.19
CA VAL A 301 7.74 -16.72 -6.47
C VAL A 301 8.81 -15.94 -5.69
N ILE A 302 8.91 -14.63 -5.94
CA ILE A 302 10.02 -13.87 -5.38
C ILE A 302 9.92 -13.79 -3.87
N LEU A 303 8.80 -13.25 -3.37
CA LEU A 303 8.66 -13.07 -1.93
C LEU A 303 8.73 -14.37 -1.16
N PRO A 304 7.99 -15.43 -1.53
CA PRO A 304 8.18 -16.71 -0.83
C PRO A 304 9.61 -17.23 -0.88
N LEU A 305 10.30 -17.05 -2.00
CA LEU A 305 11.68 -17.52 -2.10
C LEU A 305 12.58 -16.78 -1.12
N ILE A 306 12.42 -15.46 -1.02
CA ILE A 306 13.24 -14.67 -0.10
C ILE A 306 12.98 -15.11 1.34
N TYR A 307 11.70 -15.32 1.69
CA TYR A 307 11.37 -15.75 3.03
C TYR A 307 11.98 -17.10 3.35
N PHE A 308 11.91 -18.04 2.40
CA PHE A 308 12.44 -19.38 2.63
C PHE A 308 13.94 -19.34 2.88
N ILE A 309 14.67 -18.55 2.09
CA ILE A 309 16.13 -18.50 2.23
C ILE A 309 16.51 -17.97 3.61
N VAL A 310 15.93 -16.83 4.01
CA VAL A 310 16.25 -16.25 5.31
C VAL A 310 15.68 -17.12 6.43
N VAL A 311 14.41 -17.52 6.30
CA VAL A 311 13.73 -18.34 7.28
C VAL A 311 13.49 -19.70 6.65
N ARG A 312 14.15 -20.73 7.17
CA ARG A 312 14.03 -22.08 6.61
C ARG A 312 12.70 -22.72 7.03
N LYS A 313 11.62 -22.09 6.58
CA LYS A 313 10.27 -22.55 6.87
C LYS A 313 9.43 -22.39 5.61
N ASN A 314 8.29 -23.07 5.60
CA ASN A 314 7.42 -23.04 4.43
C ASN A 314 6.81 -21.65 4.30
N PRO A 315 7.07 -20.92 3.20
CA PRO A 315 6.49 -19.57 3.10
C PRO A 315 4.99 -19.58 2.87
N PHE A 316 4.46 -20.60 2.19
CA PHE A 316 3.03 -20.62 1.92
C PHE A 316 2.23 -20.86 3.19
N ARG A 317 2.81 -21.57 4.17
CA ARG A 317 2.18 -21.64 5.48
C ARG A 317 2.13 -20.27 6.13
N PHE A 318 3.20 -19.49 6.00
CA PHE A 318 3.19 -18.12 6.48
C PHE A 318 2.16 -17.27 5.73
N ALA A 319 2.12 -17.41 4.41
CA ALA A 319 1.16 -16.65 3.61
C ALA A 319 -0.27 -17.08 3.90
N MET A 320 -0.48 -18.35 4.23
CA MET A 320 -1.82 -18.82 4.54
C MET A 320 -2.36 -18.12 5.78
N GLY A 321 -1.52 -17.90 6.78
CA GLY A 321 -1.95 -17.17 7.97
C GLY A 321 -2.31 -15.73 7.70
N MET A 322 -1.80 -15.15 6.62
CA MET A 322 -2.10 -13.78 6.23
C MET A 322 -3.31 -13.69 5.30
N ALA A 323 -3.94 -14.82 4.98
CA ALA A 323 -5.03 -14.81 4.01
C ALA A 323 -6.11 -13.79 4.37
N GLN A 324 -6.41 -13.67 5.65
CA GLN A 324 -7.44 -12.72 6.08
C GLN A 324 -7.00 -11.29 5.77
N ALA A 325 -5.73 -10.97 6.03
CA ALA A 325 -5.23 -9.62 5.73
C ALA A 325 -5.13 -9.40 4.22
N LEU A 326 -4.64 -10.40 3.48
CA LEU A 326 -4.54 -10.25 2.03
C LEU A 326 -5.91 -10.09 1.40
N LEU A 327 -6.90 -10.84 1.85
CA LEU A 327 -8.26 -10.68 1.34
C LEU A 327 -8.81 -9.29 1.67
N THR A 328 -8.54 -8.81 2.88
CA THR A 328 -9.00 -7.47 3.25
C THR A 328 -8.36 -6.40 2.37
N ALA A 329 -7.05 -6.52 2.12
CA ALA A 329 -6.37 -5.56 1.26
C ALA A 329 -6.93 -5.60 -0.16
N LEU A 330 -7.25 -6.80 -0.65
CA LEU A 330 -7.77 -6.94 -2.00
C LEU A 330 -9.14 -6.28 -2.15
N MET A 331 -9.84 -6.02 -1.06
CA MET A 331 -11.18 -5.44 -1.09
C MET A 331 -11.22 -3.95 -0.77
N ILE A 332 -10.35 -3.49 0.13
CA ILE A 332 -10.37 -2.08 0.54
C ILE A 332 -9.32 -1.24 -0.18
N SER A 333 -8.34 -1.87 -0.83
CA SER A 333 -7.34 -1.13 -1.61
C SER A 333 -6.62 -0.08 -0.76
N SER A 334 -6.26 -0.45 0.46
CA SER A 334 -5.53 0.45 1.34
C SER A 334 -4.63 -0.37 2.25
N SER A 335 -3.33 -0.09 2.21
CA SER A 335 -2.40 -0.81 3.07
C SER A 335 -2.47 -0.31 4.51
N SER A 336 -2.76 0.97 4.72
CA SER A 336 -2.87 1.50 6.07
C SER A 336 -4.16 1.06 6.74
N ALA A 337 -5.27 1.06 6.00
CA ALA A 337 -6.55 0.66 6.58
C ALA A 337 -6.58 -0.82 6.92
N THR A 338 -5.87 -1.64 6.15
CA THR A 338 -5.79 -3.08 6.41
C THR A 338 -4.69 -3.42 7.40
N LEU A 339 -3.92 -2.44 7.88
CA LEU A 339 -2.87 -2.73 8.85
C LEU A 339 -3.40 -3.41 10.11
N PRO A 340 -4.51 -3.00 10.72
CA PRO A 340 -4.99 -3.74 11.90
C PRO A 340 -5.21 -5.21 11.65
N VAL A 341 -5.69 -5.57 10.45
CA VAL A 341 -5.88 -6.98 10.13
C VAL A 341 -4.54 -7.68 9.96
N THR A 342 -3.56 -6.99 9.36
CA THR A 342 -2.23 -7.56 9.21
C THR A 342 -1.58 -7.81 10.57
N PHE A 343 -1.87 -6.96 11.55
CA PHE A 343 -1.31 -7.13 12.88
C PHE A 343 -1.74 -8.46 13.49
N ARG A 344 -3.02 -8.79 13.38
CA ARG A 344 -3.54 -10.01 14.01
C ARG A 344 -3.03 -11.25 13.29
N CYS A 345 -3.01 -11.23 11.96
CA CYS A 345 -2.57 -12.40 11.21
C CYS A 345 -1.11 -12.71 11.48
N ALA A 346 -0.25 -11.68 11.48
CA ALA A 346 1.17 -11.90 11.72
C ALA A 346 1.42 -12.40 13.13
N GLU A 347 0.70 -11.87 14.11
CA GLU A 347 0.91 -12.25 15.50
C GLU A 347 0.13 -13.51 15.89
N GLU A 348 -1.19 -13.51 15.65
CA GLU A 348 -2.01 -14.61 16.13
C GLU A 348 -1.82 -15.88 15.30
N ASN A 349 -1.71 -15.74 13.98
CA ASN A 349 -1.63 -16.91 13.12
C ASN A 349 -0.19 -17.36 12.89
N ASN A 350 0.71 -16.43 12.61
CA ASN A 350 2.08 -16.76 12.26
C ASN A 350 3.03 -16.76 13.45
N GLN A 351 2.55 -16.44 14.64
CA GLN A 351 3.37 -16.46 15.86
C GLN A 351 4.59 -15.55 15.71
N VAL A 352 4.42 -14.43 15.02
CA VAL A 352 5.52 -13.49 14.84
C VAL A 352 5.63 -12.62 16.09
N ASP A 353 6.86 -12.33 16.50
CA ASP A 353 7.08 -11.57 17.72
C ASP A 353 6.39 -10.23 17.66
N LYS A 354 5.68 -9.88 18.72
CA LYS A 354 4.98 -8.60 18.77
C LYS A 354 5.95 -7.43 18.74
N ARG A 355 7.15 -7.61 19.27
CA ARG A 355 8.14 -6.54 19.23
C ARG A 355 8.54 -6.21 17.80
N ILE A 356 8.75 -7.24 16.98
CA ILE A 356 9.09 -7.00 15.58
C ILE A 356 7.88 -6.47 14.81
N THR A 357 6.71 -7.07 15.03
CA THR A 357 5.54 -6.70 14.25
C THR A 357 5.13 -5.26 14.49
N ARG A 358 5.22 -4.80 15.74
CA ARG A 358 4.83 -3.42 16.05
C ARG A 358 5.71 -2.40 15.35
N PHE A 359 6.91 -2.79 14.92
CA PHE A 359 7.83 -1.90 14.22
C PHE A 359 7.77 -2.07 12.72
N VAL A 360 7.92 -3.30 12.23
CA VAL A 360 8.03 -3.55 10.79
C VAL A 360 6.72 -3.19 10.09
N LEU A 361 5.60 -3.63 10.64
CA LEU A 361 4.33 -3.49 9.92
C LEU A 361 3.93 -2.04 9.72
N PRO A 362 3.90 -1.17 10.74
CA PRO A 362 3.52 0.23 10.48
C PRO A 362 4.43 0.92 9.48
N VAL A 363 5.74 0.66 9.53
CA VAL A 363 6.65 1.28 8.58
C VAL A 363 6.46 0.68 7.19
N GLY A 364 6.30 -0.64 7.10
CA GLY A 364 6.14 -1.27 5.81
C GLY A 364 4.91 -0.77 5.07
N ALA A 365 3.82 -0.54 5.80
CA ALA A 365 2.60 -0.04 5.17
C ALA A 365 2.76 1.36 4.60
N THR A 366 3.83 2.07 4.95
CA THR A 366 4.04 3.44 4.50
C THR A 366 5.13 3.58 3.44
N ILE A 367 6.18 2.77 3.50
CA ILE A 367 7.31 2.89 2.59
C ILE A 367 7.57 1.62 1.79
N ASN A 368 6.96 0.50 2.13
CA ASN A 368 7.12 -0.76 1.41
C ASN A 368 5.94 -0.92 0.46
N MET A 369 6.16 -0.57 -0.81
CA MET A 369 5.10 -0.64 -1.83
C MET A 369 5.66 -1.41 -3.02
N ASP A 370 6.09 -2.66 -2.84
CA ASP A 370 6.54 -3.50 -3.95
C ASP A 370 5.47 -3.61 -5.02
N GLY A 371 4.21 -3.76 -4.63
CA GLY A 371 3.14 -3.87 -5.62
C GLY A 371 3.00 -2.61 -6.46
N THR A 372 3.00 -1.44 -5.81
CA THR A 372 2.91 -0.19 -6.54
C THR A 372 4.15 0.06 -7.38
N ALA A 373 5.33 -0.23 -6.83
CA ALA A 373 6.57 0.02 -7.56
C ALA A 373 6.62 -0.80 -8.84
N LEU A 374 6.20 -2.07 -8.77
CA LEU A 374 6.12 -2.89 -9.97
C LEU A 374 5.11 -2.31 -10.96
N TYR A 375 3.97 -1.82 -10.45
CA TYR A 375 2.94 -1.29 -11.33
C TYR A 375 3.43 -0.06 -12.08
N GLU A 376 4.15 0.84 -11.41
CA GLU A 376 4.66 2.03 -12.06
C GLU A 376 5.70 1.68 -13.13
N ALA A 377 6.57 0.72 -12.83
CA ALA A 377 7.59 0.33 -13.80
C ALA A 377 6.96 -0.25 -15.06
N VAL A 378 5.94 -1.09 -14.89
CA VAL A 378 5.27 -1.68 -16.05
C VAL A 378 4.46 -0.62 -16.79
N ALA A 379 3.72 0.21 -16.05
CA ALA A 379 2.88 1.22 -16.68
C ALA A 379 3.71 2.23 -17.45
N ALA A 380 4.81 2.70 -16.86
CA ALA A 380 5.63 3.72 -17.51
C ALA A 380 6.21 3.21 -18.82
N VAL A 381 6.75 2.00 -18.81
CA VAL A 381 7.30 1.43 -20.04
C VAL A 381 6.19 1.14 -21.04
N PHE A 382 5.03 0.68 -20.55
CA PHE A 382 3.91 0.43 -21.44
C PHE A 382 3.47 1.71 -22.15
N ILE A 383 3.37 2.81 -21.41
CA ILE A 383 3.03 4.09 -22.02
C ILE A 383 4.11 4.51 -23.02
N ALA A 384 5.38 4.22 -22.69
CA ALA A 384 6.46 4.55 -23.61
C ALA A 384 6.33 3.76 -24.91
N GLN A 385 5.96 2.48 -24.83
CA GLN A 385 5.82 1.67 -26.03
C GLN A 385 4.65 2.16 -26.88
N LEU A 386 3.57 2.62 -26.25
CA LEU A 386 2.43 3.12 -27.02
C LEU A 386 2.84 4.29 -27.90
N ASN A 387 3.64 5.21 -27.37
CA ASN A 387 4.11 6.37 -28.11
C ASN A 387 5.23 6.03 -29.10
N ASP A 388 5.51 4.75 -29.33
CA ASP A 388 6.58 4.35 -30.23
C ASP A 388 7.91 4.98 -29.82
N LEU A 389 8.17 5.01 -28.52
CA LEU A 389 9.37 5.62 -27.96
C LEU A 389 10.31 4.51 -27.52
N ASP A 390 11.40 4.33 -28.27
CA ASP A 390 12.42 3.39 -27.88
C ASP A 390 13.06 3.82 -26.57
N LEU A 391 13.20 2.87 -25.64
CA LEU A 391 13.78 3.14 -24.33
C LEU A 391 15.16 2.49 -24.25
N GLY A 392 16.18 3.30 -24.01
CA GLY A 392 17.52 2.80 -23.84
C GLY A 392 17.80 2.41 -22.39
N ILE A 393 19.02 1.94 -22.17
CA ILE A 393 19.42 1.54 -20.82
C ILE A 393 19.34 2.74 -19.87
N GLY A 394 19.79 3.91 -20.33
CA GLY A 394 19.71 5.10 -19.50
C GLY A 394 18.27 5.46 -19.14
N GLN A 395 17.36 5.37 -20.11
CA GLN A 395 15.96 5.67 -19.84
C GLN A 395 15.33 4.59 -18.98
N ILE A 396 15.72 3.33 -19.20
CA ILE A 396 15.16 2.24 -18.39
C ILE A 396 15.59 2.39 -16.93
N ILE A 397 16.86 2.75 -16.71
CA ILE A 397 17.36 2.85 -15.34
C ILE A 397 16.59 3.93 -14.58
N THR A 398 16.48 5.13 -15.17
CA THR A 398 15.84 6.23 -14.46
C THR A 398 14.41 5.90 -14.07
N ILE A 399 13.72 5.10 -14.87
CA ILE A 399 12.39 4.65 -14.48
C ILE A 399 12.46 3.76 -13.25
N SER A 400 13.56 3.02 -13.09
CA SER A 400 13.69 2.12 -11.96
C SER A 400 13.82 2.89 -10.65
N ILE A 401 14.69 3.89 -10.61
CA ILE A 401 14.85 4.66 -9.39
C ILE A 401 13.60 5.49 -9.11
N THR A 402 13.04 6.11 -10.14
CA THR A 402 11.81 6.89 -9.94
C THR A 402 10.66 6.01 -9.51
N ALA A 403 10.52 4.83 -10.12
CA ALA A 403 9.45 3.92 -9.73
C ALA A 403 9.64 3.40 -8.31
N THR A 404 10.88 3.35 -7.83
CA THR A 404 11.12 2.89 -6.46
C THR A 404 10.46 3.82 -5.45
N SER A 405 10.56 5.13 -5.68
CA SER A 405 9.92 6.12 -4.79
C SER A 405 8.47 6.33 -5.23
N ALA A 406 7.66 5.28 -5.03
CA ALA A 406 6.24 5.32 -5.42
C ALA A 406 5.36 5.24 -4.18
N SER A 407 4.32 6.07 -4.08
CA SER A 407 3.35 6.01 -2.94
C SER A 407 4.09 5.89 -1.60
N ILE A 408 5.10 6.73 -1.34
CA ILE A 408 5.91 6.60 -0.09
C ILE A 408 5.13 7.21 1.08
N GLY A 409 4.04 7.91 0.80
CA GLY A 409 3.19 8.44 1.88
C GLY A 409 1.73 8.42 1.45
N ALA A 410 1.35 7.43 0.63
CA ALA A 410 -0.02 7.43 0.09
C ALA A 410 -0.56 6.01 -0.04
N ALA A 411 -0.65 5.29 1.08
CA ALA A 411 -1.28 3.95 1.05
C ALA A 411 -2.77 4.13 1.34
N GLY A 412 -3.61 4.02 0.32
CA GLY A 412 -5.05 4.29 0.52
C GLY A 412 -5.44 5.65 0.00
N VAL A 413 -4.47 6.56 -0.16
CA VAL A 413 -4.77 7.89 -0.77
C VAL A 413 -5.17 7.64 -2.23
N PRO A 414 -6.30 8.19 -2.71
CA PRO A 414 -6.77 7.93 -4.07
C PRO A 414 -5.89 8.62 -5.13
N GLN A 415 -5.70 7.98 -6.29
CA GLN A 415 -4.92 8.61 -7.40
C GLN A 415 -3.45 8.71 -7.00
N ALA A 416 -3.04 7.98 -5.94
CA ALA A 416 -1.63 7.96 -5.51
C ALA A 416 -0.77 7.35 -6.61
N GLY A 417 -1.29 6.33 -7.30
CA GLY A 417 -0.54 5.68 -8.39
C GLY A 417 -0.43 6.58 -9.61
N LEU A 418 -1.46 7.36 -9.89
CA LEU A 418 -1.44 8.27 -11.06
C LEU A 418 -0.45 9.39 -10.77
N VAL A 419 -0.39 9.85 -9.52
CA VAL A 419 0.54 10.95 -9.15
C VAL A 419 1.98 10.46 -9.34
N THR A 420 2.27 9.23 -8.93
CA THR A 420 3.61 8.70 -9.15
C THR A 420 3.87 8.45 -10.63
N MET A 421 2.87 7.95 -11.35
CA MET A 421 3.06 7.68 -12.78
C MET A 421 3.41 8.94 -13.54
N VAL A 422 2.84 10.08 -13.13
CA VAL A 422 3.20 11.35 -13.75
C VAL A 422 4.68 11.66 -13.53
N ILE A 423 5.16 11.41 -12.31
CA ILE A 423 6.57 11.66 -12.01
C ILE A 423 7.46 10.75 -12.84
N VAL A 424 7.11 9.45 -12.91
CA VAL A 424 7.92 8.51 -13.65
C VAL A 424 7.90 8.83 -15.14
N LEU A 425 6.72 9.15 -15.67
CA LEU A 425 6.63 9.51 -17.10
C LEU A 425 7.43 10.76 -17.41
N SER A 426 7.34 11.78 -16.53
CA SER A 426 8.08 13.01 -16.75
C SER A 426 9.59 12.79 -16.69
N ALA A 427 10.04 11.74 -15.99
CA ALA A 427 11.48 11.51 -15.87
C ALA A 427 12.11 11.23 -17.23
N VAL A 428 11.44 10.45 -18.07
CA VAL A 428 11.98 10.08 -19.37
C VAL A 428 11.35 10.88 -20.50
N GLY A 429 10.50 11.85 -20.19
CA GLY A 429 10.07 12.82 -21.16
C GLY A 429 8.74 12.59 -21.83
N LEU A 430 7.95 11.62 -21.38
CA LEU A 430 6.64 11.46 -21.98
C LEU A 430 5.65 12.45 -21.36
N PRO A 431 4.63 12.86 -22.12
CA PRO A 431 3.63 13.78 -21.55
C PRO A 431 2.93 13.15 -20.35
N ALA A 432 2.64 14.00 -19.36
CA ALA A 432 1.88 13.54 -18.20
C ALA A 432 0.43 13.25 -18.53
N GLU A 433 -0.04 13.66 -19.71
CA GLU A 433 -1.42 13.40 -20.10
C GLU A 433 -1.64 11.95 -20.51
N ASP A 434 -0.56 11.20 -20.77
CA ASP A 434 -0.70 9.79 -21.12
C ASP A 434 -1.19 8.94 -19.95
N VAL A 435 -1.19 9.47 -18.73
CA VAL A 435 -1.73 8.76 -17.59
C VAL A 435 -3.22 8.47 -17.79
N THR A 436 -3.89 9.26 -18.62
CA THR A 436 -5.32 9.05 -18.86
C THR A 436 -5.60 7.74 -19.57
N LEU A 437 -4.58 7.10 -20.14
CA LEU A 437 -4.75 5.82 -20.81
C LEU A 437 -4.79 4.64 -19.85
N ILE A 438 -4.60 4.87 -18.55
CA ILE A 438 -4.46 3.79 -17.58
C ILE A 438 -5.56 3.86 -16.53
N ILE A 439 -6.10 5.06 -16.28
CA ILE A 439 -7.04 5.25 -15.19
C ILE A 439 -8.28 4.38 -15.36
N ALA A 440 -8.55 3.89 -16.57
CA ALA A 440 -9.73 3.06 -16.78
C ALA A 440 -9.69 1.81 -15.91
N VAL A 441 -8.54 1.15 -15.82
CA VAL A 441 -8.39 -0.09 -15.08
C VAL A 441 -7.56 0.10 -13.82
N ASP A 442 -7.23 1.33 -13.46
CA ASP A 442 -6.37 1.57 -12.31
C ASP A 442 -7.04 1.12 -11.02
N CYS A 443 -8.37 1.29 -10.92
CA CYS A 443 -9.07 0.90 -9.71
C CYS A 443 -8.95 -0.60 -9.47
N LEU A 444 -9.10 -1.40 -10.51
CA LEU A 444 -8.96 -2.85 -10.37
C LEU A 444 -7.53 -3.22 -9.99
N LEU A 445 -6.55 -2.64 -10.69
CA LEU A 445 -5.16 -2.95 -10.39
C LEU A 445 -4.78 -2.48 -8.98
N ASP A 446 -5.40 -1.40 -8.53
CA ASP A 446 -5.12 -0.92 -7.18
C ASP A 446 -5.47 -1.98 -6.14
N ARG A 447 -6.48 -2.80 -6.40
CA ARG A 447 -6.83 -3.86 -5.47
C ARG A 447 -5.69 -4.87 -5.34
N PHE A 448 -5.10 -5.27 -6.47
CA PHE A 448 -4.01 -6.24 -6.44
C PHE A 448 -2.71 -5.62 -5.98
N ARG A 449 -2.47 -4.33 -6.29
CA ARG A 449 -1.30 -3.66 -5.76
C ARG A 449 -1.28 -3.70 -4.24
N THR A 450 -2.41 -3.37 -3.62
CA THR A 450 -2.46 -3.32 -2.15
C THR A 450 -2.18 -4.70 -1.56
N MET A 451 -2.71 -5.75 -2.18
CA MET A 451 -2.47 -7.09 -1.67
C MET A 451 -0.98 -7.42 -1.68
N VAL A 452 -0.27 -7.07 -2.75
CA VAL A 452 1.16 -7.30 -2.80
C VAL A 452 1.90 -6.35 -1.87
N ASN A 453 1.40 -5.12 -1.72
CA ASN A 453 1.99 -4.20 -0.76
C ASN A 453 1.89 -4.75 0.66
N VAL A 454 0.73 -5.29 1.03
CA VAL A 454 0.54 -5.86 2.35
C VAL A 454 1.34 -7.15 2.50
N LEU A 455 1.38 -7.97 1.44
CA LEU A 455 2.11 -9.22 1.52
C LEU A 455 3.58 -9.00 1.78
N GLY A 456 4.17 -7.97 1.16
CA GLY A 456 5.56 -7.67 1.42
C GLY A 456 5.82 -7.34 2.88
N ASP A 457 4.92 -6.56 3.50
CA ASP A 457 5.08 -6.24 4.91
C ASP A 457 5.01 -7.49 5.78
N ALA A 458 4.04 -8.37 5.49
CA ALA A 458 3.88 -9.57 6.30
C ALA A 458 5.12 -10.45 6.25
N PHE A 459 5.68 -10.66 5.05
CA PHE A 459 6.90 -11.45 4.94
C PHE A 459 8.07 -10.75 5.62
N GLY A 460 8.08 -9.42 5.63
CA GLY A 460 9.16 -8.70 6.29
C GLY A 460 9.21 -8.95 7.78
N THR A 461 8.04 -9.07 8.41
CA THR A 461 8.00 -9.36 9.84
C THR A 461 8.64 -10.71 10.13
N GLY A 462 8.32 -11.73 9.33
CA GLY A 462 8.94 -13.03 9.52
C GLY A 462 10.43 -13.01 9.23
N ILE A 463 10.83 -12.29 8.18
CA ILE A 463 12.25 -12.23 7.83
C ILE A 463 13.02 -11.45 8.88
N VAL A 464 12.50 -10.29 9.29
CA VAL A 464 13.20 -9.46 10.27
C VAL A 464 13.25 -10.17 11.62
N GLU A 465 12.20 -10.92 11.96
CA GLU A 465 12.20 -11.65 13.22
C GLU A 465 13.33 -12.67 13.25
N LYS A 466 13.54 -13.40 12.15
CA LYS A 466 14.60 -14.40 12.11
C LYS A 466 15.98 -13.74 12.17
N LEU A 467 16.16 -12.66 11.42
CA LEU A 467 17.47 -12.00 11.40
C LEU A 467 17.81 -11.31 12.71
N SER A 468 16.80 -11.06 13.56
CA SER A 468 17.01 -10.44 14.86
C SER A 468 16.71 -11.41 16.00
N LYS A 469 16.80 -12.72 15.74
CA LYS A 469 16.54 -13.71 16.77
C LYS A 469 17.51 -13.56 17.93
N LYS A 470 18.78 -13.31 17.64
CA LYS A 470 19.76 -13.13 18.69
C LYS A 470 19.41 -11.95 19.59
N GLU A 471 18.85 -10.88 19.01
CA GLU A 471 18.51 -9.71 19.81
C GLU A 471 17.31 -9.98 20.71
N LEU A 472 16.29 -10.64 20.18
CA LEU A 472 15.09 -10.91 20.98
C LEU A 472 15.41 -11.85 22.13
N GLU A 473 16.22 -12.88 21.89
CA GLU A 473 16.62 -13.78 22.97
C GLU A 473 17.61 -13.10 23.91
N GLN A 474 18.52 -12.29 23.36
CA GLN A 474 19.48 -11.60 24.21
C GLN A 474 18.79 -10.72 25.24
N MET A 475 17.58 -10.25 24.94
CA MET A 475 16.81 -9.44 25.87
C MET A 475 15.67 -10.26 26.46
N CYS B . -3.52 1.81 -2.76
CA CYS B . -2.17 1.28 -2.62
C CYS B . -1.90 0.89 -1.17
O CYS B . -1.02 0.08 -0.89
CB CYS B . -1.13 2.29 -3.09
SG CYS B . -1.07 2.51 -4.89
OXT CYS B . -2.57 1.37 -0.25
NA NA C . 3.29 -2.05 2.28
NA NA D . 10.03 -3.30 -0.82
#